data_3E45
#
_entry.id   3E45
#
_cell.length_a   50.620
_cell.length_b   92.200
_cell.length_c   66.610
_cell.angle_alpha   90.00
_cell.angle_beta   105.19
_cell.angle_gamma   90.00
#
_symmetry.space_group_name_H-M   'P 1 21 1'
#
loop_
_entity.id
_entity.type
_entity.pdbx_description
1 polymer 'Type-2 restriction enzyme HindII'
2 polymer "5'-D(*DGP*DCP*DCP*DGP*DGP*DTP*DGP*DCP*DAP*DCP*DCP*DGP*DGP*DC)-3'"
3 non-polymer 'CALCIUM ION'
4 non-polymer 'SODIUM ION'
5 water water
#
loop_
_entity_poly.entity_id
_entity_poly.type
_entity_poly.pdbx_seq_one_letter_code
_entity_poly.pdbx_strand_id
1 'polypeptide(L)'
;SFIKPIYQDINSILIGQKVKRPKSGTLSGHAAGEPFEKLVYKFLKENLSDLTFKQYEYLNDLFMKNPAIIGHEARYKLFN
SPTLLFLLSRGKAATENWSIENLFEEKQNDTADILLVKDQFYELLDVKTRNISKSAFAPNIISAYKLAQTCAKMIDNKEF
DLFDINYLEVDWELNGEDLVCVSTSFAELFKSEPSELYINWAAAMQIQFHVRDLDQGFNGTREEWAKSYLKHFVTQAEQR
AISMIDKFVKPFKKYIL
;
A,B
2 'polydeoxyribonucleotide' (DG)(DC)(DC)(DG)(DG)(DT)(DG)(DC)(DA)(DC)(DC)(DG)(DG)(DC) E,F
#
loop_
_chem_comp.id
_chem_comp.type
_chem_comp.name
_chem_comp.formula
CA non-polymer 'CALCIUM ION' 'Ca 2'
DA DNA linking 2'-DEOXYADENOSINE-5'-MONOPHOSPHATE 'C10 H14 N5 O6 P'
DC DNA linking 2'-DEOXYCYTIDINE-5'-MONOPHOSPHATE 'C9 H14 N3 O7 P'
DG DNA linking 2'-DEOXYGUANOSINE-5'-MONOPHOSPHATE 'C10 H14 N5 O7 P'
DT DNA linking THYMIDINE-5'-MONOPHOSPHATE 'C10 H15 N2 O8 P'
NA non-polymer 'SODIUM ION' 'Na 1'
#
# COMPACT_ATOMS: atom_id res chain seq x y z
N SER A 1 -14.04 25.07 9.58
CA SER A 1 -14.33 23.64 9.57
C SER A 1 -15.64 23.32 10.29
N PHE A 2 -16.26 22.20 9.92
CA PHE A 2 -17.59 21.87 10.42
C PHE A 2 -17.56 21.05 11.69
N ILE A 3 -16.51 20.23 11.85
CA ILE A 3 -16.42 19.35 13.01
C ILE A 3 -15.67 19.94 14.20
N LYS A 4 -14.69 20.80 13.93
CA LYS A 4 -13.99 21.49 15.02
C LYS A 4 -14.94 22.11 16.05
N PRO A 5 -16.01 22.79 15.58
CA PRO A 5 -16.95 23.41 16.50
C PRO A 5 -17.40 22.43 17.59
N ILE A 6 -17.60 21.16 17.24
CA ILE A 6 -18.03 20.17 18.21
C ILE A 6 -17.01 19.07 18.37
N TYR A 7 -15.74 19.42 18.22
CA TYR A 7 -14.69 18.42 18.27
C TYR A 7 -14.53 17.78 19.64
N GLN A 8 -14.69 18.59 20.69
CA GLN A 8 -14.57 18.08 22.07
C GLN A 8 -15.54 16.94 22.32
N ASP A 9 -16.77 17.13 21.86
CA ASP A 9 -17.81 16.13 21.96
C ASP A 9 -17.36 14.86 21.25
N ILE A 10 -16.92 15.00 19.99
CA ILE A 10 -16.46 13.87 19.21
C ILE A 10 -15.36 13.15 19.98
N ASN A 11 -14.47 13.93 20.59
CA ASN A 11 -13.36 13.36 21.33
C ASN A 11 -13.78 12.56 22.56
N SER A 12 -14.71 13.10 23.35
CA SER A 12 -15.16 12.39 24.55
C SER A 12 -15.93 11.11 24.23
N ILE A 13 -16.71 11.13 23.15
CA ILE A 13 -17.48 9.97 22.74
C ILE A 13 -16.57 8.84 22.23
N LEU A 14 -15.63 9.19 21.36
CA LEU A 14 -14.79 8.18 20.73
C LEU A 14 -13.96 7.39 21.72
N ILE A 15 -13.37 8.07 22.71
CA ILE A 15 -12.64 7.33 23.72
C ILE A 15 -13.61 6.42 24.48
N GLY A 16 -13.21 5.15 24.62
CA GLY A 16 -14.07 4.17 25.25
C GLY A 16 -14.74 3.31 24.21
N GLN A 17 -14.98 3.87 23.02
CA GLN A 17 -15.53 3.10 21.91
C GLN A 17 -14.70 1.84 21.66
N LYS A 18 -15.38 0.72 21.47
CA LYS A 18 -14.69 -0.55 21.28
C LYS A 18 -15.10 -1.20 19.98
N VAL A 19 -14.15 -1.87 19.33
CA VAL A 19 -14.42 -2.61 18.11
C VAL A 19 -13.83 -4.00 18.26
N LYS A 20 -14.52 -5.01 17.74
CA LYS A 20 -14.07 -6.39 17.91
C LYS A 20 -12.78 -6.67 17.14
N ARG A 21 -11.92 -7.52 17.72
CA ARG A 21 -10.69 -7.91 17.06
C ARG A 21 -10.99 -8.71 15.80
N GLY A 33 -6.92 -1.06 13.04
CA GLY A 33 -8.27 -0.73 13.51
C GLY A 33 -8.92 0.30 12.60
N GLU A 34 -8.76 0.02 11.32
CA GLU A 34 -9.40 0.75 10.25
C GLU A 34 -10.94 1.00 10.39
N PRO A 35 -11.65 0.19 11.21
CA PRO A 35 -13.11 0.42 11.31
C PRO A 35 -13.53 1.37 12.44
N PHE A 36 -12.59 2.06 13.09
CA PHE A 36 -12.97 3.16 13.96
C PHE A 36 -13.52 4.27 13.08
N GLU A 37 -13.08 4.26 11.83
CA GLU A 37 -13.55 5.20 10.84
C GLU A 37 -15.08 5.19 10.76
N LYS A 38 -15.67 4.01 10.88
CA LYS A 38 -17.12 3.85 10.83
C LYS A 38 -17.78 4.59 11.97
N LEU A 39 -17.24 4.42 13.18
CA LEU A 39 -17.78 5.09 14.36
C LEU A 39 -17.74 6.58 14.17
N VAL A 40 -16.61 7.09 13.71
CA VAL A 40 -16.49 8.52 13.43
C VAL A 40 -17.62 8.95 12.50
N TYR A 41 -17.89 8.12 11.50
CA TYR A 41 -18.93 8.39 10.52
C TYR A 41 -20.34 8.32 11.12
N LYS A 42 -20.59 7.31 11.94
CA LYS A 42 -21.87 7.18 12.63
C LYS A 42 -22.13 8.41 13.48
N PHE A 43 -21.13 8.83 14.23
CA PHE A 43 -21.29 9.99 15.11
C PHE A 43 -21.63 11.25 14.35
N LEU A 44 -20.92 11.48 13.26
CA LEU A 44 -21.14 12.65 12.42
C LEU A 44 -22.50 12.62 11.75
N LYS A 45 -22.83 11.49 11.12
CA LYS A 45 -24.13 11.32 10.49
C LYS A 45 -25.24 11.61 11.46
N GLU A 46 -25.05 11.20 12.72
CA GLU A 46 -26.05 11.44 13.74
C GLU A 46 -26.04 12.88 14.26
N ASN A 47 -24.89 13.53 14.23
CA ASN A 47 -24.79 14.89 14.77
C ASN A 47 -24.80 15.99 13.73
N LEU A 48 -24.67 15.59 12.47
CA LEU A 48 -24.68 16.53 11.34
C LEU A 48 -25.12 15.76 10.09
N SER A 49 -26.32 15.18 10.14
CA SER A 49 -26.77 14.25 9.11
C SER A 49 -26.90 14.87 7.72
N ASP A 50 -27.15 16.17 7.67
CA ASP A 50 -27.34 16.85 6.40
C ASP A 50 -26.02 17.35 5.81
N LEU A 51 -24.95 17.29 6.60
CA LEU A 51 -23.62 17.69 6.15
C LEU A 51 -22.74 16.49 5.77
N THR A 52 -23.10 15.31 6.27
CA THR A 52 -22.18 14.18 6.31
C THR A 52 -22.40 13.19 5.18
N PHE A 53 -21.33 12.91 4.43
CA PHE A 53 -21.40 11.93 3.36
C PHE A 53 -20.11 11.15 3.25
N LYS A 54 -20.20 9.87 2.86
CA LYS A 54 -19.05 9.16 2.32
C LYS A 54 -18.84 9.75 0.93
N GLN A 55 -17.60 9.69 0.42
CA GLN A 55 -17.35 10.21 -0.91
C GLN A 55 -18.32 9.57 -1.91
N TYR A 56 -18.48 8.26 -1.85
CA TYR A 56 -19.34 7.57 -2.82
C TYR A 56 -20.79 8.00 -2.63
N GLU A 57 -21.15 8.23 -1.38
CA GLU A 57 -22.48 8.69 -1.01
C GLU A 57 -22.80 10.07 -1.61
N TYR A 58 -21.87 11.00 -1.47
CA TYR A 58 -22.08 12.35 -2.01
C TYR A 58 -22.28 12.33 -3.55
N LEU A 59 -21.44 11.58 -4.25
CA LEU A 59 -21.57 11.37 -5.68
C LEU A 59 -22.89 10.68 -6.05
N ASN A 60 -23.30 9.70 -5.27
CA ASN A 60 -24.60 9.08 -5.46
C ASN A 60 -25.74 10.08 -5.25
N ASP A 61 -25.63 10.94 -4.24
CA ASP A 61 -26.69 11.91 -3.98
C ASP A 61 -26.79 12.97 -5.08
N LEU A 62 -25.65 13.42 -5.59
CA LEU A 62 -25.62 14.39 -6.69
C LEU A 62 -26.29 13.88 -7.98
N PHE A 63 -25.98 12.64 -8.34
CA PHE A 63 -26.40 12.04 -9.60
C PHE A 63 -27.85 11.57 -9.63
N MET A 64 -28.42 11.26 -8.47
CA MET A 64 -29.85 10.95 -8.38
C MET A 64 -30.70 12.21 -8.51
N LYS A 65 -30.13 13.37 -8.17
CA LYS A 65 -30.84 14.63 -8.24
C LYS A 65 -30.96 15.13 -9.66
N ASN A 66 -30.15 14.56 -10.54
CA ASN A 66 -30.14 15.00 -11.93
C ASN A 66 -30.22 13.84 -12.91
N PRO A 67 -31.24 12.96 -12.74
CA PRO A 67 -31.41 11.71 -13.49
C PRO A 67 -31.46 11.93 -15.01
N ALA A 68 -31.83 13.13 -15.43
CA ALA A 68 -31.74 13.53 -16.82
C ALA A 68 -30.28 13.53 -17.29
N ILE A 69 -29.45 14.33 -16.60
CA ILE A 69 -28.03 14.44 -16.91
C ILE A 69 -27.32 13.09 -16.86
N ILE A 70 -27.25 12.43 -18.01
CA ILE A 70 -26.62 11.12 -18.13
C ILE A 70 -25.29 11.26 -18.88
N GLY A 71 -24.45 10.22 -18.85
CA GLY A 71 -23.13 10.31 -19.47
C GLY A 71 -22.10 11.04 -18.62
N HIS A 72 -20.81 10.77 -18.85
CA HIS A 72 -19.75 11.30 -18.00
C HIS A 72 -19.50 12.79 -18.17
N GLU A 73 -19.32 13.24 -19.41
CA GLU A 73 -19.04 14.64 -19.67
C GLU A 73 -20.07 15.55 -19.00
N ALA A 74 -21.34 15.16 -19.10
CA ALA A 74 -22.45 15.95 -18.58
C ALA A 74 -22.51 15.89 -17.06
N ARG A 75 -22.26 14.70 -16.52
CA ARG A 75 -22.20 14.52 -15.08
C ARG A 75 -21.04 15.32 -14.46
N TYR A 76 -19.88 15.28 -15.12
CA TYR A 76 -18.71 16.02 -14.63
C TYR A 76 -19.00 17.52 -14.45
N LYS A 77 -19.74 18.09 -15.39
CA LYS A 77 -20.08 19.49 -15.34
C LYS A 77 -20.90 19.79 -14.08
N LEU A 78 -21.44 18.74 -13.45
CA LEU A 78 -22.28 18.88 -12.26
C LEU A 78 -21.53 19.46 -11.05
N PHE A 79 -20.22 19.21 -10.99
CA PHE A 79 -19.40 19.66 -9.87
C PHE A 79 -19.18 21.16 -9.91
N ASN A 80 -19.21 21.71 -11.11
CA ASN A 80 -18.87 23.12 -11.31
C ASN A 80 -17.68 23.59 -10.46
N SER A 81 -16.60 22.81 -10.49
CA SER A 81 -15.33 23.15 -9.85
C SER A 81 -14.24 22.17 -10.30
N PRO A 82 -13.30 22.65 -11.11
CA PRO A 82 -12.25 21.76 -11.61
C PRO A 82 -11.39 21.14 -10.50
N THR A 83 -11.29 21.82 -9.35
CA THR A 83 -10.57 21.26 -8.21
C THR A 83 -11.33 20.13 -7.52
N LEU A 84 -12.58 20.38 -7.16
CA LEU A 84 -13.40 19.36 -6.49
C LEU A 84 -13.71 18.18 -7.40
N LEU A 85 -13.82 18.48 -8.70
CA LEU A 85 -13.93 17.45 -9.71
C LEU A 85 -12.73 16.51 -9.57
N PHE A 86 -11.57 17.10 -9.34
CA PHE A 86 -10.33 16.34 -9.29
C PHE A 86 -10.19 15.47 -8.05
N LEU A 87 -10.57 16.01 -6.89
CA LEU A 87 -10.42 15.28 -5.63
C LEU A 87 -11.53 14.27 -5.36
N LEU A 88 -12.64 14.38 -6.07
CA LEU A 88 -13.86 13.67 -5.67
C LEU A 88 -14.49 12.74 -6.69
N SER A 89 -14.19 12.90 -7.97
CA SER A 89 -14.92 12.15 -8.97
C SER A 89 -14.32 10.76 -9.25
N ARG A 90 -15.12 9.91 -9.89
CA ARG A 90 -14.65 8.62 -10.34
C ARG A 90 -14.37 8.69 -11.83
N GLY A 91 -13.89 7.59 -12.39
CA GLY A 91 -13.46 7.53 -13.78
C GLY A 91 -14.51 7.89 -14.80
N LYS A 92 -14.10 8.04 -16.07
CA LYS A 92 -15.05 8.38 -17.15
C LYS A 92 -16.09 7.27 -17.42
N ALA A 93 -15.62 6.03 -17.50
CA ALA A 93 -16.50 4.88 -17.62
C ALA A 93 -17.39 4.68 -16.40
N ALA A 94 -16.82 4.90 -15.22
CA ALA A 94 -17.54 4.68 -13.95
C ALA A 94 -18.77 5.59 -13.83
N THR A 95 -18.55 6.89 -13.96
CA THR A 95 -19.62 7.88 -13.99
C THR A 95 -20.60 7.58 -15.12
N GLU A 96 -20.07 7.08 -16.23
CA GLU A 96 -20.83 6.82 -17.45
C GLU A 96 -21.81 5.69 -17.24
N ASN A 97 -21.32 4.59 -16.66
CA ASN A 97 -22.16 3.44 -16.35
C ASN A 97 -22.91 3.60 -15.04
N TRP A 98 -22.90 4.79 -14.47
CA TRP A 98 -23.58 4.98 -13.20
C TRP A 98 -25.07 4.80 -13.39
N SER A 99 -25.67 4.05 -12.48
CA SER A 99 -27.10 3.81 -12.52
C SER A 99 -27.64 3.94 -11.11
N ILE A 100 -28.96 3.99 -10.99
CA ILE A 100 -29.61 3.92 -9.70
C ILE A 100 -29.63 2.47 -9.28
N GLU A 101 -29.59 1.57 -10.26
CA GLU A 101 -29.54 0.13 -10.00
C GLU A 101 -28.08 -0.33 -9.96
N ASN A 102 -27.18 0.57 -10.37
CA ASN A 102 -25.74 0.33 -10.24
C ASN A 102 -25.02 1.57 -9.70
N LEU A 103 -25.17 1.82 -8.40
CA LEU A 103 -24.61 2.98 -7.72
C LEU A 103 -23.13 2.84 -7.41
N PHE A 104 -22.50 3.96 -7.07
CA PHE A 104 -21.12 3.92 -6.61
C PHE A 104 -20.98 3.19 -5.28
N GLU A 105 -19.84 2.54 -5.09
CA GLU A 105 -19.51 1.89 -3.83
C GLU A 105 -18.15 2.40 -3.32
N GLU A 106 -17.66 1.84 -2.21
CA GLU A 106 -16.36 2.22 -1.71
C GLU A 106 -15.29 1.93 -2.76
N LYS A 107 -14.19 2.68 -2.68
CA LYS A 107 -13.10 2.55 -3.63
C LYS A 107 -11.76 2.85 -2.96
N GLN A 108 -11.01 1.80 -2.59
CA GLN A 108 -9.65 1.94 -2.02
C GLN A 108 -9.11 3.36 -2.11
N ASN A 109 -8.84 3.82 -3.33
CA ASN A 109 -8.15 5.10 -3.47
C ASN A 109 -8.99 6.35 -3.76
N ASP A 110 -10.26 6.33 -3.35
CA ASP A 110 -10.98 7.59 -3.26
C ASP A 110 -10.18 8.52 -2.32
N THR A 111 -10.24 9.82 -2.59
CA THR A 111 -9.48 10.77 -1.80
C THR A 111 -9.84 10.75 -0.33
N ALA A 112 -11.13 10.82 -0.02
CA ALA A 112 -11.58 11.04 1.35
C ALA A 112 -12.26 9.85 2.01
N ASP A 113 -12.36 9.93 3.34
CA ASP A 113 -13.10 8.97 4.13
C ASP A 113 -14.48 9.54 4.36
N ILE A 114 -14.51 10.78 4.82
CA ILE A 114 -15.76 11.45 5.11
C ILE A 114 -15.74 12.81 4.43
N LEU A 115 -16.90 13.20 3.92
CA LEU A 115 -17.09 14.51 3.36
C LEU A 115 -18.07 15.24 4.26
N LEU A 116 -17.74 16.46 4.65
CA LEU A 116 -18.72 17.33 5.28
C LEU A 116 -18.88 18.58 4.42
N VAL A 117 -20.11 18.94 4.10
CA VAL A 117 -20.34 20.09 3.25
C VAL A 117 -21.61 20.89 3.57
N LYS A 118 -21.55 22.20 3.36
CA LYS A 118 -22.65 23.11 3.68
C LYS A 118 -22.38 24.49 3.08
N ASP A 119 -23.32 24.96 2.27
CA ASP A 119 -23.18 26.26 1.63
C ASP A 119 -22.00 26.24 0.67
N GLN A 120 -21.91 25.18 -0.12
CA GLN A 120 -20.94 25.11 -1.22
C GLN A 120 -19.51 25.08 -0.73
N PHE A 121 -19.32 24.89 0.57
CA PHE A 121 -17.97 24.71 1.10
C PHE A 121 -17.69 23.29 1.57
N TYR A 122 -16.49 22.79 1.30
CA TYR A 122 -16.18 21.38 1.52
C TYR A 122 -15.02 21.12 2.48
N GLU A 123 -15.29 20.29 3.49
CA GLU A 123 -14.25 19.78 4.36
C GLU A 123 -14.08 18.30 4.05
N LEU A 124 -12.96 17.96 3.41
CA LEU A 124 -12.60 16.56 3.20
C LEU A 124 -11.88 16.04 4.45
N LEU A 125 -12.39 14.96 5.04
CA LEU A 125 -11.87 14.46 6.30
C LEU A 125 -11.30 13.08 6.17
N ASP A 126 -9.97 12.95 6.30
CA ASP A 126 -9.31 11.65 6.34
C ASP A 126 -9.01 11.24 7.76
N VAL A 127 -9.72 10.22 8.25
CA VAL A 127 -9.47 9.62 9.56
C VAL A 127 -8.18 8.80 9.49
N LYS A 128 -7.28 8.94 10.47
CA LYS A 128 -6.10 8.08 10.56
C LYS A 128 -6.18 7.20 11.80
N THR A 129 -6.23 5.89 11.61
CA THR A 129 -6.17 5.00 12.75
C THR A 129 -4.71 4.76 13.13
N ARG A 130 -4.45 4.64 14.41
CA ARG A 130 -3.09 4.40 14.87
C ARG A 130 -3.06 3.47 16.05
N ASN A 131 -2.33 2.39 15.91
CA ASN A 131 -2.11 1.48 17.02
C ASN A 131 -1.02 2.05 17.90
N ILE A 132 -1.40 2.68 19.01
CA ILE A 132 -0.43 3.34 19.88
C ILE A 132 0.41 2.36 20.69
N SER A 133 -0.06 1.10 20.78
CA SER A 133 0.75 0.03 21.37
C SER A 133 2.11 -0.03 20.70
N LYS A 134 2.13 0.09 19.37
CA LYS A 134 3.34 -0.12 18.56
C LYS A 134 4.08 1.18 18.26
N SER A 135 5.40 1.07 18.17
CA SER A 135 6.29 2.23 18.01
C SER A 135 5.90 3.13 16.84
N ALA A 136 5.90 4.44 17.07
CA ALA A 136 5.41 5.41 16.11
C ALA A 136 5.99 5.28 14.69
N PHE A 137 5.11 5.05 13.72
CA PHE A 137 5.45 5.07 12.32
C PHE A 137 4.57 6.09 11.59
N ALA A 138 5.14 7.23 11.21
CA ALA A 138 4.35 8.26 10.52
C ALA A 138 3.61 7.71 9.28
N PRO A 139 2.27 7.72 9.33
CA PRO A 139 1.39 7.16 8.29
C PRO A 139 1.35 8.03 7.01
N ASN A 140 1.07 7.40 5.86
CA ASN A 140 0.82 8.19 4.66
C ASN A 140 -0.44 9.05 4.84
N ILE A 141 -0.31 10.33 4.51
CA ILE A 141 -1.39 11.28 4.71
C ILE A 141 -2.16 11.46 3.40
N ILE A 142 -1.49 12.00 2.40
CA ILE A 142 -2.03 12.14 1.05
C ILE A 142 -0.88 12.14 0.07
N SER A 143 -1.16 11.78 -1.18
CA SER A 143 -0.15 11.87 -2.22
C SER A 143 0.33 13.30 -2.40
N ALA A 144 1.65 13.48 -2.31
CA ALA A 144 2.29 14.77 -2.56
C ALA A 144 2.00 15.29 -3.97
N TYR A 145 1.92 14.37 -4.92
CA TYR A 145 1.69 14.74 -6.32
C TYR A 145 0.24 15.16 -6.51
N LYS A 146 -0.68 14.41 -5.90
CA LYS A 146 -2.09 14.76 -5.96
C LYS A 146 -2.25 16.10 -5.27
N LEU A 147 -1.33 16.42 -4.38
CA LEU A 147 -1.43 17.66 -3.63
C LEU A 147 -0.95 18.80 -4.50
N ALA A 148 0.13 18.59 -5.23
CA ALA A 148 0.66 19.62 -6.12
C ALA A 148 -0.38 19.98 -7.21
N GLN A 149 -0.95 18.97 -7.83
CA GLN A 149 -2.06 19.18 -8.77
C GLN A 149 -3.15 20.01 -8.10
N THR A 150 -3.56 19.60 -6.90
CA THR A 150 -4.59 20.33 -6.17
C THR A 150 -4.23 21.78 -6.03
N CYS A 151 -2.97 22.04 -5.69
CA CYS A 151 -2.53 23.41 -5.49
C CYS A 151 -2.55 24.19 -6.81
N ALA A 152 -2.00 23.57 -7.85
CA ALA A 152 -2.03 24.11 -9.19
C ALA A 152 -3.44 24.55 -9.60
N LYS A 153 -4.40 23.63 -9.53
CA LYS A 153 -5.78 23.96 -9.94
C LYS A 153 -6.36 25.01 -9.00
N MET A 154 -6.07 24.85 -7.71
CA MET A 154 -6.53 25.81 -6.72
C MET A 154 -6.16 27.20 -7.23
N ILE A 155 -4.95 27.31 -7.77
CA ILE A 155 -4.44 28.56 -8.31
C ILE A 155 -5.08 28.95 -9.64
N ASP A 156 -5.00 28.05 -10.62
CA ASP A 156 -5.56 28.28 -11.96
C ASP A 156 -6.99 28.85 -11.93
N ASN A 157 -7.88 28.18 -11.22
CA ASN A 157 -9.28 28.61 -11.17
C ASN A 157 -9.55 29.54 -10.00
N LYS A 158 -8.49 30.02 -9.36
CA LYS A 158 -8.61 30.91 -8.21
C LYS A 158 -9.61 30.40 -7.17
N GLU A 159 -9.65 29.09 -6.97
CA GLU A 159 -10.50 28.46 -5.93
C GLU A 159 -9.78 28.38 -4.58
N PHE A 160 -9.69 29.52 -3.88
CA PHE A 160 -8.86 29.61 -2.69
C PHE A 160 -9.66 29.61 -1.39
N ASP A 161 -10.95 29.38 -1.47
CA ASP A 161 -11.84 29.50 -0.30
C ASP A 161 -12.98 28.48 -0.39
N LEU A 162 -12.67 27.29 -0.91
CA LEU A 162 -13.70 26.37 -1.34
C LEU A 162 -13.77 25.15 -0.46
N PHE A 163 -12.61 24.62 -0.11
CA PHE A 163 -12.52 23.35 0.57
C PHE A 163 -11.29 23.30 1.47
N ASP A 164 -11.35 22.42 2.46
CA ASP A 164 -10.28 22.20 3.43
C ASP A 164 -10.00 20.72 3.50
N ILE A 165 -8.74 20.36 3.68
CA ILE A 165 -8.38 18.95 3.77
C ILE A 165 -7.85 18.64 5.16
N ASN A 166 -8.72 18.15 6.03
CA ASN A 166 -8.38 17.98 7.45
C ASN A 166 -8.31 16.52 7.90
N TYR A 167 -7.55 16.29 8.96
CA TYR A 167 -7.31 14.93 9.42
C TYR A 167 -7.73 14.72 10.87
N LEU A 168 -8.19 13.52 11.16
CA LEU A 168 -8.57 13.11 12.52
C LEU A 168 -7.83 11.84 12.93
N GLU A 169 -6.86 11.96 13.82
CA GLU A 169 -6.14 10.80 14.29
C GLU A 169 -7.02 10.08 15.34
N VAL A 170 -7.18 8.76 15.21
CA VAL A 170 -7.92 8.00 16.22
C VAL A 170 -7.04 6.92 16.81
N ASP A 171 -6.57 7.15 18.03
CA ASP A 171 -5.64 6.24 18.69
C ASP A 171 -6.36 5.15 19.43
N TRP A 172 -5.94 3.91 19.19
CA TRP A 172 -6.54 2.75 19.81
C TRP A 172 -5.48 1.78 20.33
N GLU A 173 -5.88 0.86 21.21
CA GLU A 173 -4.99 -0.21 21.66
C GLU A 173 -5.73 -1.55 21.82
N LEU A 174 -4.97 -2.64 21.79
CA LEU A 174 -5.53 -3.98 21.98
C LEU A 174 -5.77 -4.20 23.46
N ASN A 175 -6.95 -3.82 23.94
CA ASN A 175 -7.22 -3.88 25.38
C ASN A 175 -7.98 -5.13 25.81
N GLY A 176 -8.17 -6.06 24.89
CA GLY A 176 -8.85 -7.30 25.23
C GLY A 176 -9.08 -8.21 24.04
N GLU A 177 -10.31 -8.72 23.94
CA GLU A 177 -10.69 -9.53 22.79
C GLU A 177 -10.98 -8.59 21.65
N ASP A 178 -10.71 -7.31 21.89
CA ASP A 178 -11.05 -6.27 20.92
C ASP A 178 -10.27 -4.98 21.16
N LEU A 179 -10.45 -4.02 20.26
CA LEU A 179 -9.70 -2.79 20.30
C LEU A 179 -10.51 -1.69 20.94
N VAL A 180 -9.84 -0.79 21.64
CA VAL A 180 -10.52 0.36 22.23
C VAL A 180 -9.77 1.64 21.91
N CYS A 181 -10.52 2.70 21.64
CA CYS A 181 -9.92 4.00 21.34
C CYS A 181 -9.46 4.69 22.63
N VAL A 182 -8.19 5.09 22.66
CA VAL A 182 -7.65 5.76 23.84
C VAL A 182 -7.56 7.29 23.72
N SER A 183 -7.49 7.81 22.50
CA SER A 183 -7.47 9.25 22.27
C SER A 183 -7.57 9.61 20.79
N THR A 184 -7.60 10.91 20.52
CA THR A 184 -7.70 11.43 19.15
C THR A 184 -7.07 12.83 19.02
N SER A 185 -6.78 13.24 17.78
CA SER A 185 -6.29 14.58 17.50
C SER A 185 -6.91 15.09 16.19
N PHE A 186 -6.86 16.40 15.98
CA PHE A 186 -7.46 16.99 14.80
C PHE A 186 -6.63 18.15 14.24
N ALA A 187 -6.10 17.97 13.04
CA ALA A 187 -5.29 18.99 12.40
C ALA A 187 -5.82 19.33 11.01
N GLU A 188 -5.47 20.52 10.53
CA GLU A 188 -5.88 20.95 9.21
C GLU A 188 -4.67 21.19 8.32
N LEU A 189 -4.59 20.46 7.22
CA LEU A 189 -3.50 20.61 6.26
C LEU A 189 -3.14 22.07 5.97
N PHE A 190 -4.14 22.87 5.62
CA PHE A 190 -3.86 24.22 5.16
C PHE A 190 -3.45 25.18 6.27
N LYS A 191 -3.40 24.67 7.48
CA LYS A 191 -2.87 25.47 8.57
C LYS A 191 -1.41 25.12 8.83
N SER A 192 -0.95 24.00 8.28
CA SER A 192 0.43 23.58 8.53
C SER A 192 1.42 24.41 7.74
N GLU A 193 2.69 24.21 8.04
CA GLU A 193 3.73 24.88 7.31
C GLU A 193 4.05 23.97 6.15
N PRO A 194 3.73 24.41 4.92
CA PRO A 194 3.99 23.70 3.66
C PRO A 194 5.42 23.16 3.58
N SER A 195 6.40 23.99 3.88
CA SER A 195 7.79 23.55 3.74
C SER A 195 8.26 22.63 4.85
N GLU A 196 7.40 22.38 5.82
CA GLU A 196 7.72 21.41 6.88
C GLU A 196 7.21 20.00 6.56
N LEU A 197 6.38 19.85 5.53
CA LEU A 197 5.73 18.56 5.29
C LEU A 197 6.73 17.54 4.76
N TYR A 198 6.73 16.34 5.35
CA TYR A 198 7.64 15.28 4.93
C TYR A 198 7.11 14.45 3.75
N ILE A 199 7.74 14.61 2.59
CA ILE A 199 7.42 13.79 1.43
C ILE A 199 8.30 12.52 1.42
N ASN A 200 7.66 11.38 1.57
CA ASN A 200 8.32 10.08 1.47
C ASN A 200 8.07 9.48 0.09
N TRP A 201 8.93 9.81 -0.86
CA TRP A 201 8.72 9.43 -2.27
C TRP A 201 8.52 7.93 -2.54
N ALA A 202 9.23 7.07 -1.80
CA ALA A 202 9.15 5.64 -2.03
C ALA A 202 7.75 5.15 -1.70
N ALA A 203 7.17 5.75 -0.66
CA ALA A 203 5.87 5.34 -0.16
C ALA A 203 4.72 5.97 -0.95
N ALA A 204 4.66 5.63 -2.24
CA ALA A 204 3.63 6.13 -3.13
C ALA A 204 3.65 7.66 -3.11
N MET A 205 4.86 8.22 -2.96
CA MET A 205 5.07 9.68 -2.91
C MET A 205 4.17 10.39 -1.89
N GLN A 206 4.01 9.78 -0.73
CA GLN A 206 3.02 10.25 0.23
C GLN A 206 3.60 11.17 1.31
N ILE A 207 2.95 12.31 1.49
CA ILE A 207 3.23 13.15 2.64
C ILE A 207 2.95 12.33 3.90
N GLN A 208 3.89 12.30 4.84
CA GLN A 208 3.72 11.53 6.08
C GLN A 208 3.75 12.40 7.36
N PHE A 209 2.84 12.11 8.29
CA PHE A 209 2.88 12.73 9.62
C PHE A 209 1.87 12.19 10.64
N HIS A 210 2.10 12.51 11.90
CA HIS A 210 1.11 12.19 12.93
C HIS A 210 0.34 13.46 13.21
N VAL A 211 -0.96 13.40 12.99
CA VAL A 211 -1.82 14.57 13.15
C VAL A 211 -1.40 15.37 14.37
N ARG A 212 -1.23 14.68 15.50
CA ARG A 212 -0.90 15.36 16.75
C ARG A 212 0.39 16.18 16.65
N ASP A 213 1.26 15.79 15.72
CA ASP A 213 2.56 16.42 15.57
C ASP A 213 2.55 17.56 14.57
N LEU A 214 1.47 17.72 13.84
CA LEU A 214 1.41 18.73 12.79
C LEU A 214 1.26 20.12 13.37
N ASP A 215 2.07 21.07 12.92
CA ASP A 215 1.88 22.46 13.32
C ASP A 215 0.65 23.06 12.66
N GLN A 216 0.01 24.01 13.33
CA GLN A 216 -1.20 24.61 12.80
C GLN A 216 -1.12 26.13 12.75
N GLY A 217 0.09 26.66 12.59
CA GLY A 217 0.32 28.09 12.69
C GLY A 217 0.44 28.91 11.42
N PHE A 218 0.33 28.27 10.26
CA PHE A 218 0.50 28.99 9.00
C PHE A 218 -0.16 30.39 8.97
N ASN A 219 0.68 31.42 8.88
CA ASN A 219 0.22 32.79 8.61
C ASN A 219 0.27 33.10 7.12
N GLY A 220 -0.88 33.28 6.50
CA GLY A 220 -0.94 33.53 5.07
C GLY A 220 -2.21 32.99 4.47
N THR A 221 -2.61 33.56 3.32
CA THR A 221 -3.81 33.16 2.60
C THR A 221 -3.67 31.77 2.00
N ARG A 222 -4.81 31.13 1.72
CA ARG A 222 -4.80 29.80 1.13
C ARG A 222 -3.97 29.80 -0.16
N GLU A 223 -4.08 30.87 -0.93
CA GLU A 223 -3.33 30.94 -2.17
C GLU A 223 -1.84 30.92 -1.89
N GLU A 224 -1.44 31.61 -0.83
CA GLU A 224 -0.03 31.66 -0.45
C GLU A 224 0.46 30.28 -0.07
N TRP A 225 -0.36 29.53 0.67
CA TRP A 225 -0.05 28.16 1.05
C TRP A 225 0.26 27.32 -0.18
N ALA A 226 -0.67 27.31 -1.14
CA ALA A 226 -0.51 26.56 -2.37
C ALA A 226 0.83 26.84 -3.06
N LYS A 227 1.14 28.12 -3.26
CA LYS A 227 2.43 28.51 -3.85
C LYS A 227 3.61 27.98 -3.03
N SER A 228 3.50 28.08 -1.72
CA SER A 228 4.58 27.69 -0.83
C SER A 228 4.86 26.20 -1.00
N TYR A 229 3.79 25.43 -1.06
CA TYR A 229 3.88 24.00 -1.14
C TYR A 229 4.51 23.62 -2.47
N LEU A 230 4.07 24.30 -3.53
CA LEU A 230 4.59 24.02 -4.86
C LEU A 230 6.09 24.28 -4.92
N LYS A 231 6.53 25.38 -4.32
CA LYS A 231 7.96 25.59 -4.10
C LYS A 231 8.58 24.37 -3.43
N HIS A 232 7.99 23.95 -2.32
CA HIS A 232 8.48 22.82 -1.53
C HIS A 232 8.52 21.49 -2.31
N PHE A 233 7.46 21.23 -3.08
CA PHE A 233 7.34 20.00 -3.87
C PHE A 233 8.38 19.95 -4.99
N VAL A 234 8.37 20.98 -5.84
CA VAL A 234 9.34 21.09 -6.92
C VAL A 234 10.78 20.89 -6.39
N THR A 235 11.13 21.67 -5.38
CA THR A 235 12.37 21.51 -4.65
C THR A 235 12.57 20.05 -4.24
N GLN A 236 11.67 19.52 -3.43
CA GLN A 236 11.82 18.15 -2.95
C GLN A 236 11.99 17.13 -4.07
N ALA A 237 11.30 17.34 -5.17
CA ALA A 237 11.42 16.43 -6.30
C ALA A 237 12.86 16.42 -6.80
N GLU A 238 13.42 17.62 -6.98
CA GLU A 238 14.79 17.76 -7.46
C GLU A 238 15.79 17.03 -6.57
N GLN A 239 15.68 17.23 -5.27
CA GLN A 239 16.56 16.54 -4.34
C GLN A 239 16.46 15.02 -4.51
N ARG A 240 15.27 14.51 -4.79
CA ARG A 240 15.07 13.07 -4.84
C ARG A 240 15.69 12.48 -6.10
N ALA A 241 15.58 13.21 -7.21
CA ALA A 241 16.24 12.84 -8.45
C ALA A 241 17.69 12.44 -8.14
N ILE A 242 18.39 13.32 -7.42
CA ILE A 242 19.78 13.05 -7.06
C ILE A 242 19.93 12.00 -5.96
N SER A 243 19.07 12.05 -4.95
CA SER A 243 19.14 11.03 -3.90
C SER A 243 19.10 9.61 -4.45
N MET A 244 18.44 9.43 -5.60
CA MET A 244 18.26 8.09 -6.14
C MET A 244 19.55 7.54 -6.71
N ILE A 245 20.32 8.38 -7.38
CA ILE A 245 21.58 7.93 -7.98
C ILE A 245 22.55 7.45 -6.89
N ASP A 246 22.50 8.10 -5.74
CA ASP A 246 23.35 7.71 -4.60
C ASP A 246 22.79 6.48 -3.91
N LYS A 247 21.48 6.38 -3.89
CA LYS A 247 20.84 5.31 -3.14
C LYS A 247 20.74 4.06 -4.01
N PHE A 248 20.25 4.22 -5.23
CA PHE A 248 19.90 3.08 -6.05
C PHE A 248 20.79 2.87 -7.26
N VAL A 249 21.74 3.76 -7.49
CA VAL A 249 22.68 3.53 -8.59
C VAL A 249 24.14 3.32 -8.15
N LYS A 250 24.68 4.26 -7.36
CA LYS A 250 26.06 4.14 -6.91
C LYS A 250 26.34 2.80 -6.19
N PRO A 251 25.53 2.46 -5.17
CA PRO A 251 25.69 1.22 -4.38
C PRO A 251 25.57 -0.10 -5.15
N PHE A 252 25.16 -0.09 -6.43
CA PHE A 252 25.05 -1.34 -7.19
C PHE A 252 25.92 -1.39 -8.44
N LYS A 253 26.56 -0.28 -8.80
CA LYS A 253 27.41 -0.25 -9.99
C LYS A 253 28.56 -1.27 -9.94
N LYS A 254 28.99 -1.61 -8.73
CA LYS A 254 30.08 -2.56 -8.55
C LYS A 254 29.77 -3.92 -9.17
N TYR A 255 28.52 -4.36 -9.05
CA TYR A 255 28.15 -5.70 -9.50
C TYR A 255 28.00 -5.82 -11.01
N ILE A 256 28.11 -4.70 -11.72
CA ILE A 256 27.78 -4.72 -13.15
C ILE A 256 28.87 -4.21 -14.10
N LEU A 257 29.90 -3.56 -13.58
CA LEU A 257 30.98 -3.10 -14.45
C LEU A 257 31.42 -4.22 -15.40
N SER B 1 11.44 -26.35 -8.24
CA SER B 1 10.22 -26.00 -7.53
C SER B 1 9.60 -27.26 -6.96
N PHE B 2 9.24 -27.18 -5.67
CA PHE B 2 8.58 -28.28 -4.99
C PHE B 2 7.11 -28.26 -5.34
N ILE B 3 6.65 -27.10 -5.83
CA ILE B 3 5.25 -26.90 -6.19
C ILE B 3 4.94 -27.28 -7.64
N LYS B 4 5.75 -26.79 -8.58
CA LYS B 4 5.48 -26.93 -10.01
C LYS B 4 5.02 -28.33 -10.42
N PRO B 5 5.73 -29.38 -9.95
CA PRO B 5 5.33 -30.76 -10.24
C PRO B 5 3.93 -31.17 -9.75
N ILE B 6 3.26 -30.34 -8.94
CA ILE B 6 1.86 -30.62 -8.58
C ILE B 6 0.90 -29.47 -8.91
N TYR B 7 1.32 -28.57 -9.80
CA TYR B 7 0.45 -27.47 -10.19
C TYR B 7 -0.96 -27.95 -10.49
N GLN B 8 -1.05 -29.11 -11.15
CA GLN B 8 -2.33 -29.67 -11.58
C GLN B 8 -3.19 -30.04 -10.38
N ASP B 9 -2.60 -30.69 -9.38
CA ASP B 9 -3.31 -30.99 -8.15
C ASP B 9 -3.84 -29.68 -7.56
N ILE B 10 -2.91 -28.75 -7.35
CA ILE B 10 -3.21 -27.42 -6.86
C ILE B 10 -4.39 -26.77 -7.58
N ASN B 11 -4.32 -26.77 -8.91
CA ASN B 11 -5.31 -26.12 -9.72
C ASN B 11 -6.67 -26.82 -9.65
N SER B 12 -6.65 -28.14 -9.59
CA SER B 12 -7.86 -28.93 -9.49
C SER B 12 -8.64 -28.66 -8.21
N ILE B 13 -7.93 -28.56 -7.09
CA ILE B 13 -8.60 -28.38 -5.82
C ILE B 13 -8.98 -26.92 -5.53
N LEU B 14 -8.53 -25.98 -6.35
CA LEU B 14 -8.79 -24.58 -6.07
C LEU B 14 -9.97 -24.06 -6.84
N ILE B 15 -9.94 -24.31 -8.15
CA ILE B 15 -11.03 -23.91 -9.02
C ILE B 15 -12.37 -24.41 -8.43
N GLY B 16 -13.14 -23.47 -7.89
CA GLY B 16 -14.23 -23.78 -6.98
C GLY B 16 -13.93 -23.21 -5.61
N GLN B 17 -13.56 -24.08 -4.66
CA GLN B 17 -13.26 -23.70 -3.28
C GLN B 17 -14.26 -22.73 -2.58
N LYS B 18 -14.60 -21.63 -3.23
CA LYS B 18 -15.63 -20.69 -2.75
C LYS B 18 -15.41 -20.17 -1.32
N VAL B 19 -14.72 -19.04 -1.21
CA VAL B 19 -14.61 -18.31 0.06
C VAL B 19 -15.83 -17.40 0.25
N LYS B 20 -16.14 -17.07 1.49
CA LYS B 20 -17.31 -16.23 1.78
C LYS B 20 -16.98 -14.74 1.82
N ARG B 21 -17.86 -13.93 1.22
CA ARG B 21 -17.67 -12.48 1.13
C ARG B 21 -17.31 -11.86 2.48
N GLY B 29 -8.85 0.16 3.49
CA GLY B 29 -8.09 -0.90 4.15
C GLY B 29 -7.01 -1.46 3.24
N HIS B 30 -6.10 -2.27 3.80
CA HIS B 30 -5.05 -2.85 2.98
C HIS B 30 -4.90 -4.36 3.10
N ALA B 31 -6.05 -5.02 3.16
CA ALA B 31 -6.15 -6.46 2.94
C ALA B 31 -6.58 -6.64 1.48
N ALA B 32 -6.36 -7.83 0.94
CA ALA B 32 -6.57 -8.11 -0.48
C ALA B 32 -8.04 -8.10 -0.88
N GLY B 33 -8.77 -9.09 -0.39
CA GLY B 33 -10.10 -9.37 -0.85
C GLY B 33 -10.20 -10.87 -1.01
N GLU B 34 -9.05 -11.52 -1.09
CA GLU B 34 -8.97 -12.98 -1.11
C GLU B 34 -8.21 -13.64 0.05
N PRO B 35 -8.89 -14.56 0.74
CA PRO B 35 -8.50 -15.53 1.75
C PRO B 35 -8.03 -16.83 1.09
N PHE B 36 -8.01 -16.86 -0.25
CA PHE B 36 -7.56 -18.05 -0.99
C PHE B 36 -6.12 -18.40 -0.62
N GLU B 37 -5.32 -17.38 -0.32
CA GLU B 37 -3.94 -17.64 0.10
C GLU B 37 -4.00 -18.66 1.22
N LYS B 38 -4.91 -18.45 2.17
CA LYS B 38 -5.07 -19.38 3.25
C LYS B 38 -5.36 -20.75 2.65
N LEU B 39 -6.26 -20.76 1.68
CA LEU B 39 -6.70 -22.01 1.06
C LEU B 39 -5.54 -22.71 0.41
N VAL B 40 -4.63 -21.93 -0.17
CA VAL B 40 -3.45 -22.51 -0.78
C VAL B 40 -2.58 -23.20 0.26
N TYR B 41 -2.20 -22.45 1.28
CA TYR B 41 -1.40 -22.95 2.38
C TYR B 41 -2.00 -24.23 2.92
N LYS B 42 -3.29 -24.20 3.21
CA LYS B 42 -3.95 -25.35 3.81
C LYS B 42 -3.69 -26.59 2.96
N PHE B 43 -3.80 -26.44 1.65
CA PHE B 43 -3.55 -27.55 0.75
C PHE B 43 -2.10 -28.04 0.82
N LEU B 44 -1.17 -27.12 0.58
CA LEU B 44 0.26 -27.44 0.59
C LEU B 44 0.73 -27.99 1.92
N LYS B 45 0.15 -27.47 3.01
CA LYS B 45 0.44 -27.97 4.34
C LYS B 45 -0.14 -29.38 4.47
N GLU B 46 -1.36 -29.55 3.96
CA GLU B 46 -2.06 -30.83 3.94
C GLU B 46 -1.22 -31.92 3.28
N ASN B 47 -0.85 -31.68 2.03
CA ASN B 47 -0.18 -32.68 1.23
C ASN B 47 1.34 -32.74 1.38
N LEU B 48 2.00 -31.58 1.43
CA LEU B 48 3.45 -31.53 1.62
C LEU B 48 3.84 -31.09 3.03
N SER B 49 3.27 -31.77 4.03
CA SER B 49 3.28 -31.28 5.41
C SER B 49 4.68 -31.10 6.00
N ASP B 50 5.64 -31.88 5.50
CA ASP B 50 7.01 -31.79 5.98
C ASP B 50 7.78 -30.60 5.40
N LEU B 51 7.32 -30.08 4.27
CA LEU B 51 8.04 -29.03 3.54
C LEU B 51 7.48 -27.61 3.65
N THR B 52 6.30 -27.45 4.25
CA THR B 52 5.56 -26.19 4.12
C THR B 52 5.31 -25.42 5.40
N PHE B 53 5.54 -24.11 5.35
CA PHE B 53 5.27 -23.21 6.48
C PHE B 53 4.94 -21.79 6.07
N LYS B 54 4.19 -21.10 6.92
CA LYS B 54 4.10 -19.64 6.84
C LYS B 54 5.49 -19.16 7.22
N GLN B 55 5.87 -17.96 6.78
CA GLN B 55 7.24 -17.51 7.05
C GLN B 55 7.47 -17.52 8.55
N TYR B 56 6.58 -16.87 9.28
CA TYR B 56 6.69 -16.78 10.74
C TYR B 56 6.74 -18.15 11.43
N GLU B 57 5.98 -19.11 10.91
CA GLU B 57 5.99 -20.47 11.46
C GLU B 57 7.37 -21.13 11.29
N TYR B 58 7.97 -20.95 10.13
CA TYR B 58 9.29 -21.49 9.88
C TYR B 58 10.31 -21.00 10.91
N LEU B 59 10.25 -19.70 11.23
CA LEU B 59 11.18 -19.09 12.21
C LEU B 59 10.98 -19.63 13.63
N ASN B 60 9.72 -19.80 14.03
CA ASN B 60 9.47 -20.39 15.34
C ASN B 60 10.09 -21.77 15.38
N ASP B 61 9.81 -22.58 14.37
CA ASP B 61 10.33 -23.94 14.31
C ASP B 61 11.85 -23.97 14.32
N LEU B 62 12.45 -23.08 13.53
CA LEU B 62 13.88 -22.88 13.55
C LEU B 62 14.38 -22.61 14.97
N PHE B 63 13.70 -21.72 15.67
CA PHE B 63 14.15 -21.35 17.00
C PHE B 63 13.83 -22.43 18.06
N MET B 64 12.67 -23.08 17.94
CA MET B 64 12.31 -24.16 18.86
C MET B 64 13.34 -25.27 18.84
N LYS B 65 13.84 -25.57 17.64
CA LYS B 65 14.76 -26.68 17.44
C LYS B 65 16.18 -26.40 17.92
N ASN B 66 16.38 -25.20 18.46
CA ASN B 66 17.69 -24.80 19.00
C ASN B 66 17.56 -23.94 20.25
N PRO B 67 16.99 -24.51 21.34
CA PRO B 67 16.77 -23.78 22.59
C PRO B 67 18.07 -23.27 23.20
N ALA B 68 19.16 -23.94 22.85
CA ALA B 68 20.49 -23.56 23.35
C ALA B 68 20.83 -22.14 22.93
N ILE B 69 20.28 -21.72 21.78
CA ILE B 69 20.67 -20.46 21.17
C ILE B 69 19.76 -19.31 21.56
N ILE B 70 20.26 -18.41 22.41
CA ILE B 70 19.47 -17.28 22.86
C ILE B 70 20.11 -16.01 22.32
N GLY B 71 19.31 -14.98 22.10
CA GLY B 71 19.83 -13.73 21.57
C GLY B 71 19.94 -13.71 20.06
N HIS B 72 19.84 -12.52 19.47
CA HIS B 72 19.73 -12.38 18.02
C HIS B 72 20.96 -12.80 17.22
N GLU B 73 22.10 -12.16 17.44
CA GLU B 73 23.32 -12.50 16.73
C GLU B 73 23.49 -14.00 16.57
N ALA B 74 23.14 -14.74 17.61
CA ALA B 74 23.32 -16.19 17.58
C ALA B 74 22.19 -16.89 16.82
N ARG B 75 20.97 -16.41 17.01
CA ARG B 75 19.83 -16.98 16.32
C ARG B 75 19.94 -16.62 14.85
N TYR B 76 20.70 -15.57 14.55
CA TYR B 76 20.96 -15.15 13.17
C TYR B 76 21.95 -16.10 12.50
N LYS B 77 22.79 -16.75 13.30
CA LYS B 77 23.74 -17.72 12.80
C LYS B 77 23.00 -19.04 12.51
N LEU B 78 21.73 -19.08 12.87
CA LEU B 78 20.95 -20.29 12.67
C LEU B 78 20.48 -20.40 11.24
N PHE B 79 20.57 -19.30 10.51
CA PHE B 79 20.20 -19.28 9.10
C PHE B 79 21.33 -19.87 8.24
N ASN B 80 22.55 -19.58 8.64
CA ASN B 80 23.73 -19.99 7.88
C ASN B 80 23.67 -19.46 6.46
N SER B 81 23.23 -18.21 6.32
CA SER B 81 23.09 -17.62 4.99
C SER B 81 22.73 -16.14 5.08
N PRO B 82 23.67 -15.27 4.72
CA PRO B 82 23.42 -13.82 4.75
C PRO B 82 22.20 -13.45 3.89
N THR B 83 22.05 -14.10 2.75
CA THR B 83 20.98 -13.76 1.82
C THR B 83 19.62 -14.20 2.36
N LEU B 84 19.54 -15.41 2.86
CA LEU B 84 18.30 -15.89 3.46
C LEU B 84 18.01 -15.19 4.80
N LEU B 85 19.05 -14.93 5.56
CA LEU B 85 18.91 -14.06 6.70
C LEU B 85 18.14 -12.82 6.25
N PHE B 86 18.57 -12.25 5.13
CA PHE B 86 18.01 -10.98 4.66
C PHE B 86 16.53 -11.03 4.35
N LEU B 87 16.11 -12.14 3.77
CA LEU B 87 14.77 -12.26 3.23
C LEU B 87 13.72 -12.68 4.26
N LEU B 88 14.13 -13.50 5.23
CA LEU B 88 13.16 -14.23 6.04
C LEU B 88 13.15 -13.83 7.51
N SER B 89 14.14 -13.09 7.95
CA SER B 89 14.27 -12.83 9.37
C SER B 89 13.58 -11.56 9.85
N ARG B 90 13.18 -11.58 11.11
CA ARG B 90 12.67 -10.41 11.79
C ARG B 90 13.81 -9.58 12.38
N GLY B 91 13.48 -8.38 12.82
CA GLY B 91 14.46 -7.45 13.37
C GLY B 91 15.22 -7.98 14.56
N LYS B 92 16.35 -7.34 14.85
CA LYS B 92 17.20 -7.75 15.97
C LYS B 92 16.45 -7.82 17.32
N ALA B 93 15.69 -6.80 17.66
CA ALA B 93 14.99 -6.82 18.94
C ALA B 93 13.98 -7.98 19.02
N ALA B 94 13.14 -8.13 18.00
CA ALA B 94 12.09 -9.15 18.06
C ALA B 94 12.72 -10.52 18.18
N THR B 95 13.80 -10.76 17.46
CA THR B 95 14.49 -12.05 17.51
C THR B 95 15.05 -12.36 18.91
N GLU B 96 15.66 -11.37 19.55
CA GLU B 96 16.20 -11.55 20.90
C GLU B 96 15.12 -11.84 21.91
N ASN B 97 14.04 -11.09 21.83
CA ASN B 97 12.88 -11.34 22.64
C ASN B 97 12.15 -12.61 22.28
N TRP B 98 12.60 -13.28 21.23
CA TRP B 98 11.93 -14.53 20.87
C TRP B 98 11.97 -15.48 22.05
N SER B 99 10.83 -16.03 22.37
CA SER B 99 10.69 -16.92 23.50
C SER B 99 9.78 -18.07 23.15
N ILE B 100 10.02 -19.22 23.75
CA ILE B 100 9.16 -20.38 23.61
C ILE B 100 7.67 -20.03 23.82
N GLU B 101 7.41 -19.12 24.77
CA GLU B 101 6.05 -18.70 25.09
C GLU B 101 5.83 -17.29 24.58
N ASN B 102 6.69 -16.88 23.64
CA ASN B 102 6.54 -15.62 22.91
C ASN B 102 7.00 -15.82 21.47
N LEU B 103 6.12 -16.37 20.64
CA LEU B 103 6.48 -16.74 19.27
C LEU B 103 6.13 -15.66 18.24
N PHE B 104 6.76 -15.72 17.06
CA PHE B 104 6.52 -14.76 15.98
C PHE B 104 5.13 -14.96 15.43
N GLU B 105 4.42 -13.87 15.19
CA GLU B 105 3.13 -13.99 14.54
C GLU B 105 3.24 -13.42 13.14
N GLU B 106 2.13 -13.36 12.43
CA GLU B 106 2.15 -12.83 11.06
C GLU B 106 2.49 -11.33 11.09
N LYS B 107 3.50 -10.94 10.33
CA LYS B 107 3.78 -9.53 10.05
C LYS B 107 3.42 -9.27 8.58
N GLN B 108 2.69 -8.19 8.30
CA GLN B 108 2.23 -7.90 6.94
C GLN B 108 3.43 -7.73 6.01
N ASN B 109 4.54 -7.34 6.62
CA ASN B 109 5.75 -6.94 5.95
C ASN B 109 6.63 -8.13 5.55
N ASP B 110 6.25 -9.32 6.00
CA ASP B 110 7.02 -10.51 5.72
C ASP B 110 7.19 -10.72 4.23
N THR B 111 8.42 -10.98 3.80
CA THR B 111 8.72 -11.22 2.39
C THR B 111 7.82 -12.26 1.71
N ALA B 112 7.62 -13.39 2.36
CA ALA B 112 6.89 -14.50 1.75
C ALA B 112 5.51 -14.76 2.37
N ASP B 113 4.61 -15.33 1.57
CA ASP B 113 3.33 -15.80 2.07
C ASP B 113 3.53 -17.21 2.61
N ILE B 114 3.86 -18.11 1.69
CA ILE B 114 4.21 -19.48 2.06
C ILE B 114 5.64 -19.73 1.66
N LEU B 115 6.23 -20.74 2.26
CA LEU B 115 7.63 -21.04 2.09
C LEU B 115 7.85 -22.55 2.21
N LEU B 116 8.43 -23.15 1.18
CA LEU B 116 8.68 -24.58 1.15
C LEU B 116 10.19 -24.84 1.18
N VAL B 117 10.63 -25.76 2.02
CA VAL B 117 12.05 -26.02 2.14
C VAL B 117 12.35 -27.52 2.26
N LYS B 118 13.14 -28.03 1.33
CA LYS B 118 13.61 -29.42 1.39
C LYS B 118 15.09 -29.46 1.07
N ASP B 119 15.86 -30.15 1.90
CA ASP B 119 17.27 -30.38 1.61
C ASP B 119 18.09 -29.09 1.53
N GLN B 120 17.77 -28.12 2.38
CA GLN B 120 18.56 -26.91 2.48
C GLN B 120 18.39 -26.06 1.23
N PHE B 121 17.22 -26.15 0.63
CA PHE B 121 16.86 -25.28 -0.47
C PHE B 121 15.46 -24.74 -0.22
N TYR B 122 15.27 -23.49 -0.62
CA TYR B 122 14.08 -22.74 -0.24
C TYR B 122 13.28 -22.27 -1.44
N GLU B 123 11.98 -22.47 -1.37
CA GLU B 123 11.08 -21.87 -2.33
C GLU B 123 10.20 -20.83 -1.66
N LEU B 124 10.54 -19.57 -1.87
CA LEU B 124 9.71 -18.47 -1.39
C LEU B 124 8.50 -18.31 -2.31
N LEU B 125 7.31 -18.49 -1.74
CA LEU B 125 6.12 -18.45 -2.56
C LEU B 125 5.20 -17.32 -2.15
N ASP B 126 4.90 -16.44 -3.12
CA ASP B 126 3.95 -15.34 -2.96
C ASP B 126 2.68 -15.61 -3.80
N VAL B 127 1.53 -15.54 -3.16
CA VAL B 127 0.28 -15.72 -3.88
C VAL B 127 -0.27 -14.37 -4.22
N LYS B 128 -0.53 -14.11 -5.50
CA LYS B 128 -1.27 -12.90 -5.88
C LYS B 128 -2.72 -13.26 -6.27
N THR B 129 -3.66 -12.93 -5.40
CA THR B 129 -5.06 -13.08 -5.71
C THR B 129 -5.46 -11.93 -6.61
N ARG B 130 -6.60 -12.05 -7.27
CA ARG B 130 -6.96 -11.08 -8.28
C ARG B 130 -8.43 -11.15 -8.65
N ASN B 131 -9.14 -10.05 -8.46
CA ASN B 131 -10.52 -9.98 -8.93
C ASN B 131 -10.57 -9.92 -10.44
N ILE B 132 -11.15 -10.96 -11.05
CA ILE B 132 -11.10 -11.16 -12.50
C ILE B 132 -12.20 -10.38 -13.24
N SER B 133 -13.26 -10.04 -12.50
CA SER B 133 -14.35 -9.24 -13.02
C SER B 133 -13.85 -7.84 -13.42
N LYS B 134 -12.84 -7.35 -12.71
CA LYS B 134 -12.36 -5.97 -12.86
C LYS B 134 -11.26 -5.75 -13.93
N SER B 135 -10.95 -4.49 -14.20
CA SER B 135 -9.92 -4.12 -15.17
C SER B 135 -8.48 -4.37 -14.68
N ALA B 136 -7.77 -5.23 -15.40
CA ALA B 136 -6.42 -5.67 -15.04
C ALA B 136 -5.49 -4.55 -14.58
N PHE B 137 -4.90 -4.76 -13.41
CA PHE B 137 -3.97 -3.82 -12.78
C PHE B 137 -2.84 -4.69 -12.23
N ALA B 138 -1.64 -4.58 -12.81
CA ALA B 138 -0.55 -5.42 -12.33
C ALA B 138 -0.25 -5.06 -10.89
N PRO B 139 -0.36 -6.04 -9.99
CA PRO B 139 -0.14 -5.89 -8.55
C PRO B 139 1.34 -5.80 -8.22
N ASN B 140 1.68 -5.11 -7.13
CA ASN B 140 3.05 -5.12 -6.60
C ASN B 140 3.53 -6.58 -6.38
N ILE B 141 4.72 -6.89 -6.87
CA ILE B 141 5.19 -8.28 -6.86
C ILE B 141 6.23 -8.47 -5.79
N ILE B 142 7.08 -7.47 -5.64
CA ILE B 142 8.13 -7.45 -4.64
C ILE B 142 8.92 -6.19 -4.88
N SER B 143 9.42 -5.57 -3.83
CA SER B 143 10.26 -4.39 -4.01
C SER B 143 11.36 -4.68 -5.00
N ALA B 144 11.54 -3.77 -5.95
CA ALA B 144 12.67 -3.83 -6.83
C ALA B 144 13.93 -3.61 -5.98
N TYR B 145 13.84 -2.68 -5.04
CA TYR B 145 14.99 -2.33 -4.24
C TYR B 145 15.40 -3.45 -3.29
N LYS B 146 14.43 -4.22 -2.83
CA LYS B 146 14.76 -5.37 -2.00
C LYS B 146 15.47 -6.41 -2.85
N LEU B 147 14.92 -6.63 -4.03
CA LEU B 147 15.42 -7.64 -4.95
C LEU B 147 16.85 -7.32 -5.34
N ALA B 148 17.14 -6.03 -5.47
CA ALA B 148 18.47 -5.56 -5.81
C ALA B 148 19.49 -5.99 -4.77
N GLN B 149 19.21 -5.67 -3.52
CA GLN B 149 20.04 -6.10 -2.41
C GLN B 149 20.15 -7.62 -2.36
N THR B 150 19.04 -8.29 -2.60
CA THR B 150 18.99 -9.76 -2.62
C THR B 150 19.97 -10.29 -3.64
N CYS B 151 19.94 -9.70 -4.83
CA CYS B 151 20.85 -10.06 -5.90
C CYS B 151 22.28 -9.77 -5.50
N ALA B 152 22.48 -8.54 -5.00
CA ALA B 152 23.78 -8.11 -4.52
C ALA B 152 24.33 -9.13 -3.54
N LYS B 153 23.46 -9.61 -2.65
CA LYS B 153 23.86 -10.56 -1.60
C LYS B 153 24.17 -11.94 -2.12
N MET B 154 23.46 -12.38 -3.16
CA MET B 154 23.79 -13.66 -3.78
C MET B 154 25.22 -13.63 -4.33
N ILE B 155 25.56 -12.56 -5.02
CA ILE B 155 26.88 -12.46 -5.65
C ILE B 155 28.02 -12.38 -4.63
N ASP B 156 27.86 -11.53 -3.62
CA ASP B 156 28.83 -11.43 -2.53
C ASP B 156 29.08 -12.80 -1.92
N ASN B 157 28.02 -13.57 -1.76
CA ASN B 157 28.11 -14.77 -0.97
C ASN B 157 27.99 -16.03 -1.81
N LYS B 158 28.19 -15.86 -3.11
CA LYS B 158 28.09 -16.97 -4.06
C LYS B 158 27.02 -17.98 -3.67
N GLU B 159 25.87 -17.47 -3.21
CA GLU B 159 24.72 -18.31 -2.89
C GLU B 159 23.80 -18.37 -4.11
N PHE B 160 24.23 -19.07 -5.15
CA PHE B 160 23.49 -19.11 -6.40
C PHE B 160 22.57 -20.31 -6.49
N ASP B 161 22.71 -21.24 -5.55
CA ASP B 161 21.91 -22.44 -5.61
C ASP B 161 21.23 -22.69 -4.28
N LEU B 162 20.45 -21.72 -3.84
CA LEU B 162 19.95 -21.70 -2.47
C LEU B 162 18.43 -21.55 -2.35
N PHE B 163 17.86 -20.69 -3.17
CA PHE B 163 16.43 -20.42 -3.13
C PHE B 163 15.86 -19.89 -4.46
N ASP B 164 14.55 -20.09 -4.64
CA ASP B 164 13.80 -19.56 -5.76
C ASP B 164 12.69 -18.69 -5.21
N ILE B 165 12.36 -17.60 -5.90
CA ILE B 165 11.20 -16.81 -5.51
C ILE B 165 10.13 -16.97 -6.56
N ASN B 166 9.09 -17.74 -6.23
CA ASN B 166 8.03 -18.06 -7.18
C ASN B 166 6.71 -17.38 -6.86
N TYR B 167 5.83 -17.31 -7.85
CA TYR B 167 4.53 -16.69 -7.65
C TYR B 167 3.34 -17.57 -8.09
N LEU B 168 2.23 -17.41 -7.36
CA LEU B 168 1.02 -18.17 -7.63
C LEU B 168 -0.18 -17.26 -7.72
N GLU B 169 -0.64 -17.04 -8.94
CA GLU B 169 -1.83 -16.22 -9.18
C GLU B 169 -3.08 -17.08 -9.00
N VAL B 170 -4.03 -16.59 -8.20
CA VAL B 170 -5.32 -17.25 -8.10
C VAL B 170 -6.40 -16.24 -8.40
N ASP B 171 -7.12 -16.49 -9.49
CA ASP B 171 -8.14 -15.57 -9.96
C ASP B 171 -9.53 -15.95 -9.46
N TRP B 172 -10.33 -14.94 -9.20
CA TRP B 172 -11.63 -15.16 -8.58
C TRP B 172 -12.60 -14.12 -9.05
N GLU B 173 -13.87 -14.44 -8.89
CA GLU B 173 -14.92 -13.48 -9.17
C GLU B 173 -16.02 -13.69 -8.15
N LEU B 174 -17.03 -12.84 -8.22
CA LEU B 174 -18.10 -12.84 -7.26
C LEU B 174 -19.38 -13.29 -7.95
N ASN B 175 -19.78 -14.54 -7.74
CA ASN B 175 -21.09 -14.97 -8.25
C ASN B 175 -22.21 -14.45 -7.35
N GLY B 176 -21.82 -13.82 -6.25
CA GLY B 176 -22.76 -13.30 -5.27
C GLY B 176 -22.64 -14.08 -3.97
N GLU B 177 -22.58 -13.37 -2.85
CA GLU B 177 -22.53 -14.00 -1.52
C GLU B 177 -21.16 -14.60 -1.22
N ASP B 178 -20.59 -15.28 -2.21
CA ASP B 178 -19.31 -15.94 -2.03
C ASP B 178 -18.39 -15.66 -3.23
N LEU B 179 -17.10 -15.57 -2.95
CA LEU B 179 -16.09 -15.43 -3.99
C LEU B 179 -15.78 -16.82 -4.50
N VAL B 180 -15.46 -16.93 -5.78
CA VAL B 180 -15.19 -18.25 -6.36
C VAL B 180 -13.93 -18.20 -7.21
N CYS B 181 -13.03 -19.14 -6.98
CA CYS B 181 -11.82 -19.21 -7.79
C CYS B 181 -12.15 -19.79 -9.16
N VAL B 182 -11.62 -19.17 -10.20
CA VAL B 182 -11.93 -19.57 -11.56
C VAL B 182 -10.69 -19.99 -12.36
N SER B 183 -9.51 -19.72 -11.82
CA SER B 183 -8.30 -20.07 -12.52
C SER B 183 -7.07 -19.65 -11.73
N THR B 184 -5.96 -20.36 -11.95
CA THR B 184 -4.70 -20.04 -11.30
C THR B 184 -3.59 -19.92 -12.34
N SER B 185 -2.43 -19.48 -11.89
CA SER B 185 -1.22 -19.40 -12.74
C SER B 185 -0.01 -19.57 -11.84
N PHE B 186 1.05 -20.17 -12.37
CA PHE B 186 2.25 -20.30 -11.57
C PHE B 186 3.50 -19.94 -12.34
N ALA B 187 4.32 -19.05 -11.78
CA ALA B 187 5.53 -18.62 -12.45
C ALA B 187 6.73 -18.44 -11.51
N GLU B 188 7.89 -18.89 -11.97
CA GLU B 188 9.14 -18.65 -11.26
C GLU B 188 9.69 -17.29 -11.69
N LEU B 189 10.19 -16.52 -10.73
CA LEU B 189 10.74 -15.20 -11.01
C LEU B 189 12.09 -15.29 -11.71
N PHE B 190 12.95 -16.17 -11.20
CA PHE B 190 14.30 -16.30 -11.75
C PHE B 190 14.36 -17.06 -13.07
N LYS B 191 13.21 -17.20 -13.72
CA LYS B 191 13.12 -17.74 -15.07
C LYS B 191 12.63 -16.68 -16.05
N SER B 192 12.32 -15.50 -15.53
CA SER B 192 11.88 -14.39 -16.36
C SER B 192 13.07 -13.61 -16.88
N GLU B 193 12.85 -12.85 -17.93
CA GLU B 193 13.90 -12.01 -18.46
C GLU B 193 13.95 -10.76 -17.61
N PRO B 194 15.06 -10.57 -16.87
CA PRO B 194 15.18 -9.43 -15.96
C PRO B 194 14.93 -8.08 -16.60
N SER B 195 15.49 -7.84 -17.79
CA SER B 195 15.32 -6.52 -18.42
C SER B 195 13.88 -6.27 -18.85
N GLU B 196 13.02 -7.27 -18.74
CA GLU B 196 11.61 -7.13 -19.11
C GLU B 196 10.72 -7.01 -17.88
N LEU B 197 11.32 -6.74 -16.72
CA LEU B 197 10.55 -6.58 -15.50
C LEU B 197 10.12 -5.14 -15.32
N TYR B 198 8.83 -4.91 -15.06
CA TYR B 198 8.36 -3.54 -14.88
C TYR B 198 8.54 -3.07 -13.44
N ILE B 199 9.39 -2.06 -13.28
CA ILE B 199 9.59 -1.44 -11.98
C ILE B 199 8.73 -0.18 -11.88
N ASN B 200 7.66 -0.24 -11.10
CA ASN B 200 6.81 0.93 -10.88
C ASN B 200 7.25 1.68 -9.64
N TRP B 201 8.10 2.69 -9.82
CA TRP B 201 8.79 3.33 -8.70
C TRP B 201 7.85 3.92 -7.66
N ALA B 202 6.86 4.67 -8.14
CA ALA B 202 5.87 5.29 -7.29
C ALA B 202 5.18 4.30 -6.37
N ALA B 203 4.90 3.12 -6.89
CA ALA B 203 4.19 2.12 -6.10
C ALA B 203 5.18 1.36 -5.22
N ALA B 204 5.79 2.08 -4.28
CA ALA B 204 6.76 1.51 -3.34
C ALA B 204 7.91 0.80 -4.06
N MET B 205 8.29 1.31 -5.23
CA MET B 205 9.42 0.77 -5.97
C MET B 205 9.21 -0.71 -6.29
N GLN B 206 7.96 -1.08 -6.53
CA GLN B 206 7.64 -2.49 -6.73
C GLN B 206 7.72 -2.91 -8.19
N ILE B 207 8.10 -4.16 -8.38
CA ILE B 207 7.95 -4.82 -9.67
C ILE B 207 6.48 -5.14 -9.80
N GLN B 208 5.91 -4.89 -10.97
CA GLN B 208 4.52 -5.22 -11.19
C GLN B 208 4.38 -6.14 -12.39
N PHE B 209 3.60 -7.20 -12.22
CA PHE B 209 3.19 -8.01 -13.35
C PHE B 209 2.04 -8.90 -12.93
N HIS B 210 1.35 -9.48 -13.90
CA HIS B 210 0.42 -10.54 -13.60
C HIS B 210 1.21 -11.81 -13.81
N VAL B 211 0.91 -12.83 -13.02
CA VAL B 211 1.70 -14.06 -13.04
C VAL B 211 1.54 -14.82 -14.34
N ARG B 212 0.32 -14.87 -14.86
CA ARG B 212 0.07 -15.55 -16.14
C ARG B 212 0.63 -14.80 -17.36
N ASP B 213 1.12 -13.58 -17.15
CA ASP B 213 1.70 -12.78 -18.22
C ASP B 213 3.22 -12.83 -18.20
N LEU B 214 3.78 -13.55 -17.23
CA LEU B 214 5.18 -13.38 -16.91
C LEU B 214 6.11 -14.30 -17.69
N ASP B 215 6.99 -13.67 -18.47
CA ASP B 215 8.08 -14.33 -19.18
C ASP B 215 8.77 -15.44 -18.40
N GLN B 216 9.04 -16.57 -19.07
CA GLN B 216 9.72 -17.71 -18.43
C GLN B 216 10.78 -18.38 -19.31
N GLY B 217 11.49 -17.60 -20.10
CA GLY B 217 12.47 -18.15 -21.02
C GLY B 217 13.90 -17.73 -20.76
N PHE B 218 14.20 -17.28 -19.54
CA PHE B 218 15.60 -17.05 -19.19
C PHE B 218 16.35 -18.36 -19.28
N ASN B 219 17.49 -18.34 -19.98
CA ASN B 219 18.27 -19.56 -20.25
C ASN B 219 19.63 -19.62 -19.54
N GLY B 220 20.16 -18.45 -19.16
CA GLY B 220 21.45 -18.37 -18.49
C GLY B 220 21.49 -18.99 -17.10
N THR B 221 22.54 -18.66 -16.34
CA THR B 221 22.66 -19.17 -14.98
C THR B 221 22.09 -18.17 -14.00
N ARG B 222 21.76 -18.65 -12.81
CA ARG B 222 21.25 -17.79 -11.75
C ARG B 222 22.15 -16.59 -11.57
N GLU B 223 23.44 -16.83 -11.46
CA GLU B 223 24.37 -15.72 -11.31
C GLU B 223 24.21 -14.73 -12.45
N GLU B 224 24.10 -15.23 -13.66
CA GLU B 224 23.90 -14.34 -14.80
C GLU B 224 22.61 -13.56 -14.60
N TRP B 225 21.61 -14.21 -14.02
CA TRP B 225 20.34 -13.56 -13.75
C TRP B 225 20.55 -12.38 -12.82
N ALA B 226 21.29 -12.62 -11.74
CA ALA B 226 21.45 -11.61 -10.72
C ALA B 226 22.15 -10.37 -11.27
N LYS B 227 23.18 -10.60 -12.09
CA LYS B 227 23.93 -9.50 -12.65
C LYS B 227 23.08 -8.78 -13.68
N SER B 228 22.30 -9.53 -14.45
CA SER B 228 21.40 -8.94 -15.41
C SER B 228 20.36 -8.09 -14.67
N TYR B 229 19.88 -8.56 -13.53
CA TYR B 229 18.90 -7.79 -12.78
C TYR B 229 19.46 -6.47 -12.25
N LEU B 230 20.68 -6.51 -11.72
CA LEU B 230 21.28 -5.30 -11.18
C LEU B 230 21.49 -4.26 -12.26
N LYS B 231 21.89 -4.72 -13.44
CA LYS B 231 22.06 -3.80 -14.57
C LYS B 231 20.74 -3.14 -14.92
N HIS B 232 19.69 -3.96 -15.07
CA HIS B 232 18.34 -3.43 -15.28
C HIS B 232 17.94 -2.43 -14.17
N PHE B 233 18.01 -2.85 -12.91
CA PHE B 233 17.66 -1.98 -11.78
C PHE B 233 18.36 -0.63 -11.86
N VAL B 234 19.69 -0.67 -11.99
CA VAL B 234 20.47 0.54 -12.01
C VAL B 234 20.08 1.41 -13.22
N THR B 235 19.89 0.74 -14.36
CA THR B 235 19.43 1.43 -15.55
C THR B 235 18.13 2.18 -15.26
N GLN B 236 17.22 1.53 -14.54
CA GLN B 236 15.87 2.07 -14.38
C GLN B 236 15.81 3.20 -13.36
N ALA B 237 16.66 3.14 -12.36
CA ALA B 237 16.71 4.18 -11.33
C ALA B 237 17.15 5.47 -11.98
N GLU B 238 18.04 5.34 -12.96
CA GLU B 238 18.53 6.53 -13.69
C GLU B 238 17.43 7.13 -14.53
N GLN B 239 16.62 6.26 -15.12
CA GLN B 239 15.45 6.67 -15.86
C GLN B 239 14.49 7.45 -15.00
N ARG B 240 14.18 6.92 -13.82
CA ARG B 240 13.22 7.53 -12.92
C ARG B 240 13.65 8.92 -12.48
N ALA B 241 14.93 9.05 -12.12
CA ALA B 241 15.46 10.32 -11.65
C ALA B 241 15.25 11.38 -12.73
N ILE B 242 15.81 11.12 -13.91
CA ILE B 242 15.58 11.99 -15.05
C ILE B 242 14.09 12.28 -15.26
N SER B 243 13.29 11.22 -15.16
CA SER B 243 11.86 11.29 -15.39
C SER B 243 11.14 12.13 -14.35
N MET B 244 11.79 12.37 -13.21
CA MET B 244 11.13 13.13 -12.18
C MET B 244 11.11 14.60 -12.54
N ILE B 245 12.15 15.07 -13.22
CA ILE B 245 12.22 16.50 -13.53
C ILE B 245 11.09 16.94 -14.45
N ASP B 246 10.88 16.19 -15.52
CA ASP B 246 9.83 16.54 -16.48
C ASP B 246 8.47 16.27 -15.88
N LYS B 247 8.41 15.28 -14.98
CA LYS B 247 7.14 14.84 -14.41
C LYS B 247 6.68 15.64 -13.17
N PHE B 248 7.59 15.95 -12.26
CA PHE B 248 7.19 16.61 -11.01
C PHE B 248 7.85 17.94 -10.79
N VAL B 249 8.68 18.38 -11.73
CA VAL B 249 9.28 19.70 -11.60
C VAL B 249 8.83 20.68 -12.68
N LYS B 250 8.98 20.28 -13.94
CA LYS B 250 8.72 21.19 -15.05
C LYS B 250 7.28 21.72 -15.06
N PRO B 251 6.31 20.84 -14.76
CA PRO B 251 4.90 21.21 -14.87
C PRO B 251 4.43 22.22 -13.83
N PHE B 252 5.25 22.47 -12.81
CA PHE B 252 4.79 23.29 -11.69
C PHE B 252 5.58 24.56 -11.48
N LYS B 253 6.73 24.66 -12.15
CA LYS B 253 7.59 25.83 -12.00
C LYS B 253 6.88 27.15 -12.30
N LYS B 254 5.88 27.11 -13.18
CA LYS B 254 5.13 28.31 -13.53
C LYS B 254 4.53 29.03 -12.32
N TYR B 255 4.08 28.25 -11.35
CA TYR B 255 3.38 28.77 -10.19
C TYR B 255 4.30 29.49 -9.20
N ILE B 256 5.60 29.30 -9.36
CA ILE B 256 6.55 29.78 -8.36
C ILE B 256 7.80 30.43 -8.97
CA CA E . -8.05 6.72 6.25
NA NA F . -4.76 9.55 3.45
CA CA G . 0.44 -12.00 -1.42
#